data_8UXR
#
_entry.id   8UXR
#
_cell.length_a   1.000
_cell.length_b   1.000
_cell.length_c   1.000
_cell.angle_alpha   90.00
_cell.angle_beta   90.00
_cell.angle_gamma   90.00
#
_symmetry.space_group_name_H-M   'P 1'
#
_entity_poly.entity_id   1
_entity_poly.type   'polypeptide(L)'
_entity_poly.pdbx_seq_one_letter_code
;NCPYCVVYCCPPAYCQASGCRPP
;
_entity_poly.pdbx_strand_id   A
#
# COMPACT_ATOMS: atom_id res chain seq x y z
N ASN A 1 1.43 -0.61 -12.25
CA ASN A 1 1.28 -1.79 -11.42
C ASN A 1 1.46 -1.44 -9.94
N CYS A 2 0.52 -1.88 -9.11
CA CYS A 2 0.57 -1.62 -7.68
C CYS A 2 1.30 -2.75 -6.95
N PRO A 3 1.89 -2.42 -5.80
CA PRO A 3 2.63 -3.39 -4.97
C PRO A 3 1.71 -4.41 -4.32
N TYR A 4 2.11 -5.67 -4.36
CA TYR A 4 1.31 -6.75 -3.78
C TYR A 4 1.51 -6.81 -2.27
N CYS A 5 0.58 -6.22 -1.53
CA CYS A 5 0.66 -6.21 -0.07
C CYS A 5 -0.48 -7.03 0.53
N VAL A 6 -0.55 -7.03 1.87
CA VAL A 6 -1.59 -7.78 2.57
C VAL A 6 -2.96 -7.50 1.97
N VAL A 7 -3.14 -6.30 1.43
CA VAL A 7 -4.40 -5.91 0.82
C VAL A 7 -4.18 -5.09 -0.44
N TYR A 8 -4.90 -5.46 -1.51
CA TYR A 8 -4.76 -4.76 -2.78
C TYR A 8 -4.88 -3.26 -2.61
N CYS A 9 -3.75 -2.57 -2.66
CA CYS A 9 -3.72 -1.12 -2.50
C CYS A 9 -2.91 -0.46 -3.62
N CYS A 10 -3.28 0.77 -3.97
CA CYS A 10 -2.59 1.50 -5.02
C CYS A 10 -2.23 2.91 -4.55
N PRO A 11 -1.20 3.50 -5.19
CA PRO A 11 -0.73 4.84 -4.86
C PRO A 11 -1.74 5.92 -5.26
N PRO A 12 -1.50 7.16 -4.78
CA PRO A 12 -0.36 7.47 -3.92
C PRO A 12 -0.49 6.85 -2.53
N ALA A 13 0.59 6.22 -2.06
CA ALA A 13 0.60 5.59 -0.75
C ALA A 13 1.94 4.94 -0.46
N TYR A 14 2.03 4.27 0.68
CA TYR A 14 3.27 3.61 1.08
C TYR A 14 2.98 2.36 1.93
N CYS A 15 3.52 1.23 1.50
CA CYS A 15 3.32 -0.02 2.22
C CYS A 15 4.32 -0.16 3.37
N GLN A 16 3.82 -0.13 4.60
CA GLN A 16 4.67 -0.25 5.77
C GLN A 16 4.25 -1.45 6.62
N ALA A 17 4.88 -1.59 7.78
CA ALA A 17 4.57 -2.68 8.70
C ALA A 17 3.08 -2.71 9.04
N SER A 18 2.49 -1.53 9.18
CA SER A 18 1.08 -1.42 9.51
C SER A 18 0.20 -1.73 8.31
N GLY A 19 0.75 -1.49 7.12
CA GLY A 19 0.02 -1.75 5.89
C GLY A 19 0.04 -0.57 4.94
N CYS A 20 -0.97 -0.48 4.07
CA CYS A 20 -1.06 0.60 3.11
C CYS A 20 -1.77 1.81 3.70
N ARG A 21 -1.06 2.93 3.77
CA ARG A 21 -1.62 4.17 4.31
C ARG A 21 -1.71 5.25 3.24
N PRO A 22 -2.55 6.25 3.49
CA PRO A 22 -2.76 7.37 2.56
C PRO A 22 -1.54 8.28 2.48
N PRO A 23 -1.53 9.17 1.47
CA PRO A 23 -0.43 10.12 1.26
C PRO A 23 -0.37 11.19 2.34
N ASN A 1 2.38 -1.29 -12.19
CA ASN A 1 1.29 -1.86 -11.39
C ASN A 1 1.49 -1.53 -9.91
N CYS A 2 0.46 -1.82 -9.10
CA CYS A 2 0.52 -1.56 -7.67
C CYS A 2 1.24 -2.69 -6.95
N PRO A 3 1.84 -2.35 -5.79
CA PRO A 3 2.58 -3.32 -4.97
C PRO A 3 1.67 -4.35 -4.33
N TYR A 4 2.07 -5.61 -4.38
CA TYR A 4 1.28 -6.70 -3.80
C TYR A 4 1.50 -6.77 -2.29
N CYS A 5 0.55 -6.18 -1.54
CA CYS A 5 0.63 -6.18 -0.09
C CYS A 5 -0.50 -7.01 0.52
N VAL A 6 -0.57 -7.03 1.84
CA VAL A 6 -1.60 -7.78 2.55
C VAL A 6 -2.98 -7.51 1.94
N VAL A 7 -3.16 -6.30 1.42
CA VAL A 7 -4.43 -5.92 0.80
C VAL A 7 -4.21 -5.11 -0.47
N TYR A 8 -4.92 -5.46 -1.52
CA TYR A 8 -4.80 -4.76 -2.80
C TYR A 8 -4.93 -3.26 -2.61
N CYS A 9 -3.80 -2.56 -2.67
CA CYS A 9 -3.78 -1.11 -2.50
C CYS A 9 -2.98 -0.45 -3.62
N CYS A 10 -3.35 0.78 -3.95
CA CYS A 10 -2.66 1.52 -5.00
C CYS A 10 -2.30 2.93 -4.52
N PRO A 11 -1.28 3.53 -5.16
CA PRO A 11 -0.82 4.87 -4.81
C PRO A 11 -1.82 5.95 -5.21
N PRO A 12 -1.59 7.19 -4.72
CA PRO A 12 -0.44 7.49 -3.87
C PRO A 12 -0.57 6.87 -2.48
N ALA A 13 0.51 6.24 -2.02
CA ALA A 13 0.52 5.61 -0.71
C ALA A 13 1.87 4.98 -0.42
N TYR A 14 1.97 4.29 0.71
CA TYR A 14 3.22 3.63 1.10
C TYR A 14 2.93 2.39 1.94
N CYS A 15 3.48 1.26 1.52
CA CYS A 15 3.30 0.00 2.23
C CYS A 15 4.32 -0.14 3.36
N GLN A 16 3.84 -0.12 4.59
CA GLN A 16 4.70 -0.25 5.75
C GLN A 16 4.29 -1.44 6.61
N ALA A 17 4.93 -1.57 7.78
CA ALA A 17 4.63 -2.67 8.69
C ALA A 17 3.14 -2.70 9.03
N SER A 18 2.53 -1.52 9.13
CA SER A 18 1.11 -1.43 9.45
C SER A 18 0.25 -1.75 8.23
N GLY A 19 0.80 -1.51 7.04
CA GLY A 19 0.08 -1.78 5.82
C GLY A 19 0.08 -0.61 4.86
N CYS A 20 -0.96 -0.50 4.04
CA CYS A 20 -1.07 0.59 3.08
C CYS A 20 -1.74 1.80 3.71
N ARG A 21 -1.02 2.91 3.74
CA ARG A 21 -1.54 4.15 4.32
C ARG A 21 -1.65 5.24 3.25
N PRO A 22 -2.48 6.25 3.54
CA PRO A 22 -2.71 7.38 2.62
C PRO A 22 -1.48 8.27 2.49
N PRO A 23 -1.50 9.16 1.48
CA PRO A 23 -0.39 10.09 1.23
C PRO A 23 -0.28 11.16 2.31
N ASN A 1 0.82 -0.68 -12.14
CA ASN A 1 1.33 -1.83 -11.40
C ASN A 1 1.52 -1.49 -9.93
N CYS A 2 0.52 -1.85 -9.11
CA CYS A 2 0.57 -1.58 -7.68
C CYS A 2 1.31 -2.69 -6.95
N PRO A 3 1.90 -2.34 -5.79
CA PRO A 3 2.64 -3.31 -4.96
C PRO A 3 1.73 -4.34 -4.31
N TYR A 4 2.16 -5.60 -4.36
CA TYR A 4 1.38 -6.68 -3.77
C TYR A 4 1.58 -6.75 -2.26
N CYS A 5 0.64 -6.16 -1.52
CA CYS A 5 0.71 -6.15 -0.06
C CYS A 5 -0.42 -6.98 0.55
N VAL A 6 -0.50 -7.00 1.87
CA VAL A 6 -1.53 -7.75 2.58
C VAL A 6 -2.90 -7.49 1.97
N VAL A 7 -3.09 -6.29 1.42
CA VAL A 7 -4.36 -5.93 0.82
C VAL A 7 -4.14 -5.12 -0.45
N TYR A 8 -4.85 -5.49 -1.51
CA TYR A 8 -4.73 -4.80 -2.79
C TYR A 8 -4.87 -3.29 -2.62
N CYS A 9 -3.75 -2.59 -2.67
CA CYS A 9 -3.73 -1.14 -2.52
C CYS A 9 -2.93 -0.48 -3.63
N CYS A 10 -3.29 0.75 -3.97
CA CYS A 10 -2.60 1.50 -5.02
C CYS A 10 -2.24 2.90 -4.54
N PRO A 11 -1.22 3.49 -5.17
CA PRO A 11 -0.75 4.84 -4.82
C PRO A 11 -1.75 5.92 -5.22
N PRO A 12 -1.52 7.15 -4.74
CA PRO A 12 -0.37 7.46 -3.87
C PRO A 12 -0.51 6.84 -2.49
N ALA A 13 0.57 6.21 -2.02
CA ALA A 13 0.57 5.57 -0.71
C ALA A 13 1.93 4.94 -0.41
N TYR A 14 2.02 4.25 0.73
CA TYR A 14 3.26 3.60 1.13
C TYR A 14 2.98 2.34 1.95
N CYS A 15 3.54 1.22 1.53
CA CYS A 15 3.35 -0.04 2.23
C CYS A 15 4.33 -0.18 3.39
N GLN A 16 3.80 -0.16 4.60
CA GLN A 16 4.64 -0.28 5.79
C GLN A 16 4.21 -1.48 6.64
N ALA A 17 4.81 -1.61 7.81
CA ALA A 17 4.49 -2.71 8.72
C ALA A 17 3.00 -2.72 9.05
N SER A 18 2.42 -1.54 9.16
CA SER A 18 0.99 -1.42 9.49
C SER A 18 0.13 -1.73 8.26
N GLY A 19 0.69 -1.49 7.09
CA GLY A 19 -0.04 -1.76 5.85
C GLY A 19 0.00 -0.59 4.89
N CYS A 20 -1.02 -0.49 4.05
CA CYS A 20 -1.09 0.59 3.07
C CYS A 20 -1.78 1.82 3.67
N ARG A 21 -1.05 2.93 3.72
CA ARG A 21 -1.59 4.17 4.27
C ARG A 21 -1.67 5.25 3.20
N PRO A 22 -2.49 6.27 3.45
CA PRO A 22 -2.68 7.38 2.52
C PRO A 22 -1.45 8.28 2.41
N PRO A 23 -1.44 9.16 1.40
CA PRO A 23 -0.32 10.08 1.17
C PRO A 23 -0.24 11.17 2.25
N ASN A 1 1.11 -0.56 -12.19
CA ASN A 1 1.34 -1.78 -11.40
C ASN A 1 1.51 -1.44 -9.92
N CYS A 2 0.55 -1.85 -9.11
CA CYS A 2 0.59 -1.60 -7.68
C CYS A 2 1.32 -2.73 -6.95
N PRO A 3 1.90 -2.40 -5.79
CA PRO A 3 2.63 -3.37 -4.97
C PRO A 3 1.71 -4.40 -4.32
N TYR A 4 2.12 -5.67 -4.37
CA TYR A 4 1.32 -6.74 -3.79
C TYR A 4 1.51 -6.81 -2.28
N CYS A 5 0.58 -6.22 -1.54
CA CYS A 5 0.65 -6.23 -0.09
C CYS A 5 -0.49 -7.05 0.52
N VAL A 6 -0.56 -7.06 1.84
CA VAL A 6 -1.60 -7.81 2.54
C VAL A 6 -2.98 -7.53 1.93
N VAL A 7 -3.15 -6.33 1.40
CA VAL A 7 -4.41 -5.94 0.78
C VAL A 7 -4.18 -5.12 -0.49
N TYR A 8 -4.89 -5.47 -1.54
CA TYR A 8 -4.76 -4.78 -2.83
C TYR A 8 -4.88 -3.27 -2.63
N CYS A 9 -3.75 -2.58 -2.68
CA CYS A 9 -3.73 -1.13 -2.52
C CYS A 9 -2.91 -0.47 -3.63
N CYS A 10 -3.28 0.76 -3.96
CA CYS A 10 -2.58 1.51 -5.01
C CYS A 10 -2.22 2.91 -4.53
N PRO A 11 -1.20 3.50 -5.16
CA PRO A 11 -0.73 4.84 -4.82
C PRO A 11 -1.73 5.93 -5.22
N PRO A 12 -1.50 7.16 -4.73
CA PRO A 12 -0.36 7.46 -3.87
C PRO A 12 -0.49 6.84 -2.49
N ALA A 13 0.58 6.21 -2.02
CA ALA A 13 0.59 5.57 -0.71
C ALA A 13 1.94 4.93 -0.42
N TYR A 14 2.03 4.24 0.71
CA TYR A 14 3.27 3.58 1.11
C TYR A 14 2.98 2.34 1.96
N CYS A 15 3.52 1.21 1.54
CA CYS A 15 3.33 -0.06 2.25
C CYS A 15 4.33 -0.20 3.38
N GLN A 16 3.85 -0.15 4.62
CA GLN A 16 4.70 -0.29 5.78
C GLN A 16 4.27 -1.45 6.65
N ALA A 17 4.89 -1.59 7.82
CA ALA A 17 4.57 -2.67 8.75
C ALA A 17 3.08 -2.66 9.09
N SER A 18 2.51 -1.47 9.19
CA SER A 18 1.09 -1.33 9.52
C SER A 18 0.22 -1.66 8.31
N GLY A 19 0.76 -1.45 7.12
CA GLY A 19 0.02 -1.73 5.90
C GLY A 19 0.04 -0.57 4.93
N CYS A 20 -0.99 -0.47 4.09
CA CYS A 20 -1.09 0.60 3.12
C CYS A 20 -1.77 1.82 3.71
N ARG A 21 -1.05 2.94 3.75
CA ARG A 21 -1.60 4.18 4.30
C ARG A 21 -1.70 5.25 3.22
N PRO A 22 -2.54 6.27 3.47
CA PRO A 22 -2.75 7.37 2.54
C PRO A 22 -1.53 8.27 2.42
N PRO A 23 -1.54 9.15 1.40
CA PRO A 23 -0.43 10.09 1.16
C PRO A 23 -0.35 11.17 2.22
N ASN A 1 0.22 -1.25 -11.92
CA ASN A 1 1.42 -1.90 -11.40
C ASN A 1 1.60 -1.58 -9.91
N CYS A 2 0.55 -1.80 -9.13
CA CYS A 2 0.60 -1.54 -7.70
C CYS A 2 1.34 -2.65 -6.97
N PRO A 3 1.92 -2.32 -5.80
CA PRO A 3 2.67 -3.28 -4.99
C PRO A 3 1.75 -4.32 -4.35
N TYR A 4 2.18 -5.58 -4.39
CA TYR A 4 1.39 -6.67 -3.80
C TYR A 4 1.59 -6.74 -2.30
N CYS A 5 0.66 -6.16 -1.55
CA CYS A 5 0.72 -6.16 -0.10
C CYS A 5 -0.41 -6.99 0.50
N VAL A 6 -0.48 -7.01 1.83
CA VAL A 6 -1.51 -7.75 2.53
C VAL A 6 -2.88 -7.50 1.93
N VAL A 7 -3.07 -6.30 1.39
CA VAL A 7 -4.34 -5.92 0.77
C VAL A 7 -4.12 -5.12 -0.49
N TYR A 8 -4.83 -5.47 -1.55
CA TYR A 8 -4.72 -4.78 -2.83
C TYR A 8 -4.84 -3.27 -2.64
N CYS A 9 -3.73 -2.57 -2.70
CA CYS A 9 -3.72 -1.12 -2.53
C CYS A 9 -2.90 -0.45 -3.64
N CYS A 10 -3.26 0.78 -3.98
CA CYS A 10 -2.58 1.53 -5.01
C CYS A 10 -2.21 2.93 -4.53
N PRO A 11 -1.19 3.53 -5.16
CA PRO A 11 -0.72 4.87 -4.80
C PRO A 11 -1.72 5.95 -5.20
N PRO A 12 -1.49 7.18 -4.70
CA PRO A 12 -0.34 7.48 -3.84
C PRO A 12 -0.48 6.85 -2.46
N ALA A 13 0.60 6.23 -1.99
CA ALA A 13 0.60 5.57 -0.69
C ALA A 13 1.96 4.94 -0.39
N TYR A 14 2.04 4.25 0.74
CA TYR A 14 3.28 3.60 1.14
C TYR A 14 3.00 2.34 1.96
N CYS A 15 3.56 1.22 1.52
CA CYS A 15 3.37 -0.05 2.22
C CYS A 15 4.35 -0.19 3.38
N GLN A 16 3.82 -0.17 4.61
CA GLN A 16 4.64 -0.30 5.79
C GLN A 16 4.20 -1.48 6.64
N ALA A 17 4.80 -1.62 7.82
CA ALA A 17 4.48 -2.72 8.72
C ALA A 17 2.99 -2.73 9.06
N SER A 18 2.41 -1.54 9.18
CA SER A 18 0.99 -1.41 9.51
C SER A 18 0.13 -1.71 8.29
N GLY A 19 0.68 -1.49 7.10
CA GLY A 19 -0.06 -1.75 5.87
C GLY A 19 -0.01 -0.57 4.92
N CYS A 20 -1.02 -0.48 4.05
CA CYS A 20 -1.09 0.60 3.07
C CYS A 20 -1.79 1.83 3.66
N ARG A 21 -1.07 2.94 3.73
CA ARG A 21 -1.62 4.17 4.27
C ARG A 21 -1.70 5.26 3.20
N PRO A 22 -2.53 6.27 3.44
CA PRO A 22 -2.72 7.38 2.51
C PRO A 22 -1.48 8.29 2.42
N PRO A 23 -1.47 9.17 1.41
CA PRO A 23 -0.36 10.10 1.20
C PRO A 23 -0.29 11.18 2.28
N ASN A 1 2.19 -1.07 -12.24
CA ASN A 1 1.24 -1.81 -11.41
C ASN A 1 1.43 -1.47 -9.94
N CYS A 2 0.46 -1.85 -9.11
CA CYS A 2 0.52 -1.58 -7.68
C CYS A 2 1.25 -2.71 -6.96
N PRO A 3 1.85 -2.38 -5.80
CA PRO A 3 2.59 -3.35 -4.99
C PRO A 3 1.67 -4.37 -4.33
N TYR A 4 2.06 -5.64 -4.41
CA TYR A 4 1.28 -6.72 -3.82
C TYR A 4 1.49 -6.80 -2.31
N CYS A 5 0.56 -6.21 -1.57
CA CYS A 5 0.65 -6.21 -0.11
C CYS A 5 -0.49 -7.03 0.51
N VAL A 6 -0.55 -7.05 1.83
CA VAL A 6 -1.58 -7.78 2.54
C VAL A 6 -2.96 -7.51 1.95
N VAL A 7 -3.14 -6.31 1.42
CA VAL A 7 -4.41 -5.92 0.82
C VAL A 7 -4.19 -5.10 -0.45
N TYR A 8 -4.91 -5.45 -1.51
CA TYR A 8 -4.80 -4.75 -2.78
C TYR A 8 -4.92 -3.24 -2.58
N CYS A 9 -3.77 -2.56 -2.65
CA CYS A 9 -3.74 -1.11 -2.49
C CYS A 9 -2.94 -0.45 -3.61
N CYS A 10 -3.31 0.78 -3.94
CA CYS A 10 -2.63 1.52 -5.00
C CYS A 10 -2.26 2.92 -4.51
N PRO A 11 -1.24 3.52 -5.15
CA PRO A 11 -0.77 4.87 -4.82
C PRO A 11 -1.77 5.95 -5.21
N PRO A 12 -1.53 7.18 -4.73
CA PRO A 12 -0.38 7.48 -3.87
C PRO A 12 -0.51 6.86 -2.49
N ALA A 13 0.57 6.23 -2.03
CA ALA A 13 0.58 5.59 -0.71
C ALA A 13 1.92 4.95 -0.43
N TYR A 14 2.02 4.26 0.71
CA TYR A 14 3.26 3.60 1.10
C TYR A 14 2.97 2.35 1.93
N CYS A 15 3.52 1.23 1.50
CA CYS A 15 3.33 -0.04 2.20
C CYS A 15 4.34 -0.19 3.34
N GLN A 16 3.84 -0.15 4.57
CA GLN A 16 4.71 -0.28 5.74
C GLN A 16 4.29 -1.46 6.59
N ALA A 17 4.92 -1.61 7.76
CA ALA A 17 4.60 -2.70 8.67
C ALA A 17 3.12 -2.71 9.04
N SER A 18 2.55 -1.52 9.16
CA SER A 18 1.14 -1.38 9.52
C SER A 18 0.26 -1.69 8.32
N GLY A 19 0.78 -1.47 7.12
CA GLY A 19 0.02 -1.72 5.91
C GLY A 19 0.04 -0.55 4.95
N CYS A 20 -0.98 -0.48 4.10
CA CYS A 20 -1.08 0.61 3.12
C CYS A 20 -1.77 1.82 3.73
N ARG A 21 -1.06 2.94 3.78
CA ARG A 21 -1.61 4.18 4.32
C ARG A 21 -1.72 5.25 3.24
N PRO A 22 -2.57 6.27 3.51
CA PRO A 22 -2.77 7.37 2.57
C PRO A 22 -1.55 8.28 2.47
N PRO A 23 -1.56 9.16 1.45
CA PRO A 23 -0.46 10.11 1.22
C PRO A 23 -0.39 11.18 2.29
N ASN A 1 0.60 -2.96 -11.60
CA ASN A 1 1.38 -1.74 -11.41
C ASN A 1 1.56 -1.43 -9.94
N CYS A 2 0.54 -1.71 -9.14
CA CYS A 2 0.58 -1.47 -7.70
C CYS A 2 1.32 -2.59 -6.98
N PRO A 3 1.91 -2.26 -5.82
CA PRO A 3 2.66 -3.22 -5.02
C PRO A 3 1.75 -4.27 -4.38
N TYR A 4 2.17 -5.53 -4.43
CA TYR A 4 1.39 -6.61 -3.86
C TYR A 4 1.59 -6.70 -2.34
N CYS A 5 0.66 -6.12 -1.60
CA CYS A 5 0.73 -6.13 -0.14
C CYS A 5 -0.40 -6.96 0.46
N VAL A 6 -0.47 -6.99 1.79
CA VAL A 6 -1.50 -7.75 2.48
C VAL A 6 -2.87 -7.49 1.88
N VAL A 7 -3.07 -6.28 1.35
CA VAL A 7 -4.34 -5.91 0.74
C VAL A 7 -4.12 -5.09 -0.51
N TYR A 8 -4.83 -5.44 -1.59
CA TYR A 8 -4.71 -4.74 -2.85
C TYR A 8 -4.85 -3.24 -2.66
N CYS A 9 -3.73 -2.52 -2.71
CA CYS A 9 -3.71 -1.08 -2.53
C CYS A 9 -2.90 -0.40 -3.64
N CYS A 10 -3.28 0.83 -3.96
CA CYS A 10 -2.59 1.58 -5.00
C CYS A 10 -2.23 2.98 -4.51
N PRO A 11 -1.21 3.59 -5.13
CA PRO A 11 -0.75 4.93 -4.78
C PRO A 11 -1.74 6.01 -5.16
N PRO A 12 -1.52 7.23 -4.66
CA PRO A 12 -0.36 7.54 -3.80
C PRO A 12 -0.50 6.89 -2.42
N ALA A 13 0.58 6.27 -1.97
CA ALA A 13 0.59 5.61 -0.66
C ALA A 13 1.94 4.98 -0.37
N TYR A 14 2.04 4.28 0.75
CA TYR A 14 3.27 3.62 1.16
C TYR A 14 2.99 2.36 1.96
N CYS A 15 3.55 1.25 1.52
CA CYS A 15 3.37 -0.03 2.20
C CYS A 15 4.35 -0.19 3.36
N GLN A 16 3.82 -0.18 4.57
CA GLN A 16 4.65 -0.32 5.77
C GLN A 16 4.22 -1.51 6.60
N ALA A 17 4.83 -1.67 7.78
CA ALA A 17 4.50 -2.78 8.67
C ALA A 17 3.01 -2.78 9.02
N SER A 18 2.45 -1.58 9.15
CA SER A 18 1.03 -1.45 9.50
C SER A 18 0.15 -1.74 8.28
N GLY A 19 0.69 -1.50 7.10
CA GLY A 19 -0.06 -1.75 5.87
C GLY A 19 -0.02 -0.57 4.93
N CYS A 20 -1.02 -0.48 4.06
CA CYS A 20 -1.10 0.61 3.09
C CYS A 20 -1.80 1.83 3.69
N ARG A 21 -1.08 2.95 3.75
CA ARG A 21 -1.63 4.18 4.31
C ARG A 21 -1.72 5.26 3.23
N PRO A 22 -2.56 6.27 3.49
CA PRO A 22 -2.74 7.39 2.56
C PRO A 22 -1.52 8.30 2.48
N PRO A 23 -1.51 9.18 1.46
CA PRO A 23 -0.40 10.12 1.26
C PRO A 23 -0.33 11.19 2.34
N ASN A 1 0.77 -0.63 -12.15
CA ASN A 1 1.30 -1.78 -11.41
C ASN A 1 1.49 -1.44 -9.94
N CYS A 2 0.51 -1.84 -9.12
CA CYS A 2 0.57 -1.58 -7.69
C CYS A 2 1.31 -2.69 -6.96
N PRO A 3 1.90 -2.36 -5.80
CA PRO A 3 2.64 -3.32 -4.98
C PRO A 3 1.74 -4.35 -4.32
N TYR A 4 2.15 -5.61 -4.38
CA TYR A 4 1.36 -6.70 -3.78
C TYR A 4 1.58 -6.76 -2.28
N CYS A 5 0.63 -6.19 -1.54
CA CYS A 5 0.71 -6.17 -0.07
C CYS A 5 -0.42 -7.00 0.54
N VAL A 6 -0.48 -7.01 1.86
CA VAL A 6 -1.51 -7.76 2.56
C VAL A 6 -2.90 -7.50 1.96
N VAL A 7 -3.08 -6.30 1.42
CA VAL A 7 -4.35 -5.94 0.82
C VAL A 7 -4.14 -5.12 -0.46
N TYR A 8 -4.85 -5.48 -1.52
CA TYR A 8 -4.73 -4.79 -2.79
C TYR A 8 -4.86 -3.28 -2.61
N CYS A 9 -3.73 -2.58 -2.67
CA CYS A 9 -3.72 -1.14 -2.51
C CYS A 9 -2.91 -0.47 -3.62
N CYS A 10 -3.28 0.76 -3.96
CA CYS A 10 -2.59 1.50 -5.01
C CYS A 10 -2.22 2.90 -4.52
N PRO A 11 -1.19 3.50 -5.16
CA PRO A 11 -0.72 4.84 -4.81
C PRO A 11 -1.72 5.92 -5.21
N PRO A 12 -1.48 7.15 -4.72
CA PRO A 12 -0.34 7.45 -3.86
C PRO A 12 -0.47 6.82 -2.48
N ALA A 13 0.60 6.19 -2.01
CA ALA A 13 0.61 5.56 -0.70
C ALA A 13 1.96 4.92 -0.41
N TYR A 14 2.06 4.23 0.73
CA TYR A 14 3.29 3.57 1.13
C TYR A 14 3.00 2.33 1.95
N CYS A 15 3.57 1.20 1.51
CA CYS A 15 3.37 -0.07 2.21
C CYS A 15 4.36 -0.21 3.37
N GLN A 16 3.83 -0.19 4.59
CA GLN A 16 4.66 -0.32 5.78
C GLN A 16 4.21 -1.50 6.63
N ALA A 17 4.82 -1.65 7.80
CA ALA A 17 4.49 -2.74 8.71
C ALA A 17 3.01 -2.72 9.06
N SER A 18 2.44 -1.53 9.19
CA SER A 18 1.03 -1.38 9.53
C SER A 18 0.15 -1.68 8.32
N GLY A 19 0.68 -1.47 7.13
CA GLY A 19 -0.07 -1.72 5.92
C GLY A 19 -0.02 -0.56 4.95
N CYS A 20 -1.02 -0.46 4.08
CA CYS A 20 -1.10 0.61 3.10
C CYS A 20 -1.80 1.84 3.68
N ARG A 21 -1.07 2.95 3.73
CA ARG A 21 -1.64 4.19 4.27
C ARG A 21 -1.71 5.26 3.18
N PRO A 22 -2.54 6.28 3.42
CA PRO A 22 -2.73 7.38 2.47
C PRO A 22 -1.51 8.28 2.39
N PRO A 23 -1.48 9.16 1.37
CA PRO A 23 -0.37 10.10 1.16
C PRO A 23 -0.32 11.19 2.23
N ASN A 1 0.75 -2.98 -11.60
CA ASN A 1 1.32 -1.65 -11.43
C ASN A 1 1.49 -1.32 -9.95
N CYS A 2 0.53 -1.73 -9.13
CA CYS A 2 0.58 -1.48 -7.70
C CYS A 2 1.32 -2.60 -6.98
N PRO A 3 1.91 -2.26 -5.82
CA PRO A 3 2.66 -3.22 -5.01
C PRO A 3 1.75 -4.27 -4.37
N TYR A 4 2.18 -5.52 -4.42
CA TYR A 4 1.40 -6.61 -3.84
C TYR A 4 1.60 -6.69 -2.33
N CYS A 5 0.66 -6.12 -1.59
CA CYS A 5 0.73 -6.12 -0.13
C CYS A 5 -0.40 -6.95 0.48
N VAL A 6 -0.46 -6.98 1.80
CA VAL A 6 -1.49 -7.74 2.50
C VAL A 6 -2.87 -7.49 1.90
N VAL A 7 -3.06 -6.28 1.37
CA VAL A 7 -4.33 -5.91 0.76
C VAL A 7 -4.12 -5.09 -0.50
N TYR A 8 -4.82 -5.45 -1.57
CA TYR A 8 -4.71 -4.75 -2.84
C TYR A 8 -4.85 -3.25 -2.65
N CYS A 9 -3.73 -2.53 -2.70
CA CYS A 9 -3.73 -1.09 -2.53
C CYS A 9 -2.92 -0.41 -3.64
N CYS A 10 -3.29 0.81 -3.97
CA CYS A 10 -2.60 1.58 -5.01
C CYS A 10 -2.24 2.97 -4.52
N PRO A 11 -1.22 3.57 -5.15
CA PRO A 11 -0.75 4.92 -4.79
C PRO A 11 -1.76 6.00 -5.17
N PRO A 12 -1.53 7.22 -4.68
CA PRO A 12 -0.38 7.53 -3.81
C PRO A 12 -0.51 6.88 -2.44
N ALA A 13 0.57 6.26 -1.97
CA ALA A 13 0.57 5.61 -0.67
C ALA A 13 1.94 4.97 -0.38
N TYR A 14 2.03 4.27 0.74
CA TYR A 14 3.27 3.63 1.14
C TYR A 14 2.99 2.36 1.95
N CYS A 15 3.56 1.25 1.50
CA CYS A 15 3.37 -0.03 2.19
C CYS A 15 4.35 -0.17 3.36
N GLN A 16 3.82 -0.17 4.57
CA GLN A 16 4.64 -0.30 5.77
C GLN A 16 4.21 -1.51 6.60
N ALA A 17 4.81 -1.66 7.77
CA ALA A 17 4.49 -2.76 8.67
C ALA A 17 3.00 -2.78 9.01
N SER A 18 2.43 -1.59 9.15
CA SER A 18 1.01 -1.47 9.49
C SER A 18 0.13 -1.77 8.27
N GLY A 19 0.68 -1.52 7.08
CA GLY A 19 -0.07 -1.76 5.86
C GLY A 19 -0.02 -0.58 4.91
N CYS A 20 -1.03 -0.48 4.05
CA CYS A 20 -1.10 0.61 3.08
C CYS A 20 -1.80 1.83 3.69
N ARG A 21 -1.07 2.93 3.75
CA ARG A 21 -1.62 4.17 4.30
C ARG A 21 -1.71 5.25 3.24
N PRO A 22 -2.54 6.28 3.49
CA PRO A 22 -2.72 7.40 2.56
C PRO A 22 -1.50 8.30 2.48
N PRO A 23 -1.48 9.18 1.48
CA PRO A 23 -0.36 10.12 1.27
C PRO A 23 -0.29 11.19 2.35
N ASN A 1 2.12 -0.99 -12.25
CA ASN A 1 1.24 -1.79 -11.40
C ASN A 1 1.43 -1.44 -9.93
N CYS A 2 0.48 -1.87 -9.11
CA CYS A 2 0.54 -1.60 -7.68
C CYS A 2 1.27 -2.72 -6.94
N PRO A 3 1.86 -2.39 -5.79
CA PRO A 3 2.60 -3.36 -4.97
C PRO A 3 1.69 -4.38 -4.31
N TYR A 4 2.08 -5.64 -4.38
CA TYR A 4 1.29 -6.72 -3.78
C TYR A 4 1.50 -6.79 -2.28
N CYS A 5 0.57 -6.21 -1.53
CA CYS A 5 0.65 -6.20 -0.08
C CYS A 5 -0.49 -7.01 0.54
N VAL A 6 -0.55 -7.02 1.87
CA VAL A 6 -1.59 -7.76 2.57
C VAL A 6 -2.97 -7.49 1.97
N VAL A 7 -3.14 -6.29 1.44
CA VAL A 7 -4.41 -5.90 0.84
C VAL A 7 -4.19 -5.09 -0.44
N TYR A 8 -4.91 -5.45 -1.50
CA TYR A 8 -4.79 -4.76 -2.77
C TYR A 8 -4.91 -3.26 -2.59
N CYS A 9 -3.78 -2.57 -2.65
CA CYS A 9 -3.75 -1.12 -2.49
C CYS A 9 -2.95 -0.46 -3.61
N CYS A 10 -3.32 0.77 -3.96
CA CYS A 10 -2.62 1.51 -5.01
C CYS A 10 -2.27 2.91 -4.54
N PRO A 11 -1.25 3.51 -5.18
CA PRO A 11 -0.78 4.86 -4.84
C PRO A 11 -1.78 5.94 -5.24
N PRO A 12 -1.55 7.17 -4.77
CA PRO A 12 -0.41 7.48 -3.91
C PRO A 12 -0.53 6.86 -2.52
N ALA A 13 0.55 6.24 -2.06
CA ALA A 13 0.55 5.61 -0.75
C ALA A 13 1.90 4.96 -0.45
N TYR A 14 2.00 4.29 0.68
CA TYR A 14 3.24 3.63 1.08
C TYR A 14 2.95 2.39 1.93
N CYS A 15 3.51 1.25 1.50
CA CYS A 15 3.31 0.00 2.21
C CYS A 15 4.32 -0.14 3.35
N GLN A 16 3.83 -0.13 4.57
CA GLN A 16 4.69 -0.27 5.75
C GLN A 16 4.26 -1.45 6.60
N ALA A 17 4.90 -1.60 7.76
CA ALA A 17 4.59 -2.70 8.67
C ALA A 17 3.11 -2.73 9.01
N SER A 18 2.51 -1.55 9.15
CA SER A 18 1.10 -1.44 9.49
C SER A 18 0.23 -1.75 8.27
N GLY A 19 0.77 -1.51 7.08
CA GLY A 19 0.04 -1.77 5.85
C GLY A 19 0.06 -0.58 4.90
N CYS A 20 -0.96 -0.50 4.06
CA CYS A 20 -1.06 0.60 3.10
C CYS A 20 -1.75 1.81 3.70
N ARG A 21 -1.04 2.92 3.76
CA ARG A 21 -1.59 4.16 4.32
C ARG A 21 -1.70 5.24 3.26
N PRO A 22 -2.53 6.26 3.53
CA PRO A 22 -2.73 7.38 2.61
C PRO A 22 -1.51 8.27 2.50
N PRO A 23 -1.51 9.17 1.50
CA PRO A 23 -0.41 10.11 1.26
C PRO A 23 -0.33 11.18 2.35
N ASN A 1 0.14 -1.17 -11.94
CA ASN A 1 1.35 -1.77 -11.42
C ASN A 1 1.53 -1.43 -9.94
N CYS A 2 0.55 -1.82 -9.12
CA CYS A 2 0.60 -1.56 -7.69
C CYS A 2 1.34 -2.68 -6.96
N PRO A 3 1.93 -2.34 -5.81
CA PRO A 3 2.67 -3.30 -4.98
C PRO A 3 1.76 -4.33 -4.33
N TYR A 4 2.17 -5.59 -4.38
CA TYR A 4 1.40 -6.68 -3.81
C TYR A 4 1.60 -6.75 -2.30
N CYS A 5 0.65 -6.17 -1.55
CA CYS A 5 0.73 -6.16 -0.10
C CYS A 5 -0.40 -6.99 0.51
N VAL A 6 -0.47 -7.01 1.84
CA VAL A 6 -1.50 -7.76 2.54
C VAL A 6 -2.88 -7.50 1.93
N VAL A 7 -3.06 -6.30 1.40
CA VAL A 7 -4.34 -5.92 0.79
C VAL A 7 -4.11 -5.11 -0.47
N TYR A 8 -4.82 -5.47 -1.54
CA TYR A 8 -4.70 -4.78 -2.81
C TYR A 8 -4.84 -3.27 -2.63
N CYS A 9 -3.71 -2.57 -2.68
CA CYS A 9 -3.69 -1.12 -2.53
C CYS A 9 -2.88 -0.46 -3.64
N CYS A 10 -3.24 0.78 -3.96
CA CYS A 10 -2.56 1.52 -5.01
C CYS A 10 -2.18 2.92 -4.53
N PRO A 11 -1.16 3.52 -5.16
CA PRO A 11 -0.69 4.85 -4.80
C PRO A 11 -1.69 5.94 -5.20
N PRO A 12 -1.45 7.17 -4.70
CA PRO A 12 -0.30 7.47 -3.85
C PRO A 12 -0.44 6.84 -2.46
N ALA A 13 0.63 6.20 -1.99
CA ALA A 13 0.63 5.56 -0.69
C ALA A 13 1.99 4.93 -0.39
N TYR A 14 2.07 4.24 0.74
CA TYR A 14 3.31 3.58 1.14
C TYR A 14 3.02 2.32 1.96
N CYS A 15 3.58 1.20 1.52
CA CYS A 15 3.39 -0.07 2.19
C CYS A 15 4.36 -0.22 3.36
N GLN A 16 3.83 -0.20 4.58
CA GLN A 16 4.65 -0.34 5.78
C GLN A 16 4.20 -1.53 6.61
N ALA A 17 4.80 -1.67 7.80
CA ALA A 17 4.46 -2.77 8.69
C ALA A 17 2.97 -2.74 9.05
N SER A 18 2.42 -1.55 9.19
CA SER A 18 1.01 -1.39 9.54
C SER A 18 0.12 -1.68 8.34
N GLY A 19 0.66 -1.46 7.15
CA GLY A 19 -0.10 -1.71 5.94
C GLY A 19 -0.05 -0.53 4.97
N CYS A 20 -1.04 -0.46 4.09
CA CYS A 20 -1.10 0.62 3.11
C CYS A 20 -1.81 1.84 3.68
N ARG A 21 -1.10 2.96 3.74
CA ARG A 21 -1.67 4.20 4.28
C ARG A 21 -1.73 5.27 3.18
N PRO A 22 -2.58 6.28 3.41
CA PRO A 22 -2.76 7.39 2.47
C PRO A 22 -1.54 8.29 2.40
N PRO A 23 -1.50 9.17 1.38
CA PRO A 23 -0.40 10.11 1.18
C PRO A 23 -0.35 11.20 2.24
N ASN A 1 1.68 -0.71 -12.31
CA ASN A 1 1.17 -1.78 -11.44
C ASN A 1 1.36 -1.42 -9.97
N CYS A 2 0.41 -1.85 -9.14
CA CYS A 2 0.48 -1.58 -7.70
C CYS A 2 1.23 -2.69 -6.98
N PRO A 3 1.84 -2.35 -5.83
CA PRO A 3 2.59 -3.31 -5.02
C PRO A 3 1.69 -4.34 -4.35
N TYR A 4 2.10 -5.60 -4.41
CA TYR A 4 1.32 -6.69 -3.81
C TYR A 4 1.55 -6.75 -2.30
N CYS A 5 0.62 -6.17 -1.55
CA CYS A 5 0.70 -6.15 -0.10
C CYS A 5 -0.41 -6.99 0.52
N VAL A 6 -0.47 -7.00 1.85
CA VAL A 6 -1.49 -7.75 2.57
C VAL A 6 -2.87 -7.49 1.98
N VAL A 7 -3.08 -6.29 1.44
CA VAL A 7 -4.35 -5.92 0.85
C VAL A 7 -4.15 -5.11 -0.43
N TYR A 8 -4.87 -5.48 -1.48
CA TYR A 8 -4.77 -4.79 -2.76
C TYR A 8 -4.90 -3.29 -2.58
N CYS A 9 -3.77 -2.59 -2.64
CA CYS A 9 -3.75 -1.14 -2.49
C CYS A 9 -2.96 -0.48 -3.61
N CYS A 10 -3.32 0.76 -3.94
CA CYS A 10 -2.63 1.50 -5.00
C CYS A 10 -2.26 2.90 -4.51
N PRO A 11 -1.25 3.49 -5.15
CA PRO A 11 -0.76 4.84 -4.81
C PRO A 11 -1.76 5.93 -5.20
N PRO A 12 -1.52 7.14 -4.72
CA PRO A 12 -0.37 7.45 -3.86
C PRO A 12 -0.50 6.82 -2.47
N ALA A 13 0.58 6.19 -2.02
CA ALA A 13 0.59 5.54 -0.71
C ALA A 13 1.94 4.90 -0.43
N TYR A 14 2.04 4.21 0.71
CA TYR A 14 3.28 3.55 1.10
C TYR A 14 2.99 2.32 1.95
N CYS A 15 3.54 1.18 1.53
CA CYS A 15 3.34 -0.07 2.25
C CYS A 15 4.33 -0.20 3.40
N GLN A 16 3.82 -0.15 4.63
CA GLN A 16 4.65 -0.26 5.81
C GLN A 16 4.22 -1.43 6.68
N ALA A 17 4.81 -1.54 7.87
CA ALA A 17 4.48 -2.61 8.80
C ALA A 17 2.98 -2.66 9.07
N SER A 18 2.38 -1.49 9.22
CA SER A 18 0.95 -1.39 9.49
C SER A 18 0.13 -1.74 8.26
N GLY A 19 0.72 -1.49 7.09
CA GLY A 19 0.04 -1.78 5.83
C GLY A 19 0.07 -0.60 4.88
N CYS A 20 -0.96 -0.50 4.04
CA CYS A 20 -1.05 0.59 3.07
C CYS A 20 -1.73 1.81 3.67
N ARG A 21 -1.00 2.92 3.73
CA ARG A 21 -1.53 4.16 4.29
C ARG A 21 -1.65 5.23 3.21
N PRO A 22 -2.48 6.26 3.48
CA PRO A 22 -2.69 7.37 2.54
C PRO A 22 -1.47 8.26 2.43
N PRO A 23 -1.48 9.14 1.41
CA PRO A 23 -0.38 10.08 1.16
C PRO A 23 -0.28 11.16 2.24
N ASN A 1 2.07 -1.08 -12.25
CA ASN A 1 1.24 -1.93 -11.39
C ASN A 1 1.45 -1.58 -9.93
N CYS A 2 0.45 -1.89 -9.10
CA CYS A 2 0.52 -1.62 -7.67
C CYS A 2 1.26 -2.72 -6.94
N PRO A 3 1.86 -2.38 -5.80
CA PRO A 3 2.61 -3.33 -4.97
C PRO A 3 1.70 -4.35 -4.30
N TYR A 4 2.10 -5.62 -4.36
CA TYR A 4 1.32 -6.70 -3.76
C TYR A 4 1.54 -6.75 -2.25
N CYS A 5 0.61 -6.15 -1.50
CA CYS A 5 0.71 -6.13 -0.04
C CYS A 5 -0.42 -6.95 0.59
N VAL A 6 -0.48 -6.95 1.92
CA VAL A 6 -1.50 -7.69 2.64
C VAL A 6 -2.88 -7.42 2.05
N VAL A 7 -3.08 -6.23 1.50
CA VAL A 7 -4.35 -5.85 0.91
C VAL A 7 -4.14 -5.05 -0.37
N TYR A 8 -4.86 -5.42 -1.42
CA TYR A 8 -4.76 -4.73 -2.70
C TYR A 8 -4.88 -3.22 -2.53
N CYS A 9 -3.74 -2.53 -2.61
CA CYS A 9 -3.72 -1.09 -2.47
C CYS A 9 -2.92 -0.44 -3.59
N CYS A 10 -3.28 0.79 -3.94
CA CYS A 10 -2.61 1.53 -5.00
C CYS A 10 -2.23 2.93 -4.54
N PRO A 11 -1.21 3.51 -5.18
CA PRO A 11 -0.74 4.86 -4.87
C PRO A 11 -1.73 5.94 -5.27
N PRO A 12 -1.49 7.17 -4.80
CA PRO A 12 -0.34 7.49 -3.95
C PRO A 12 -0.47 6.88 -2.55
N ALA A 13 0.60 6.26 -2.09
CA ALA A 13 0.61 5.63 -0.78
C ALA A 13 1.96 4.98 -0.48
N TYR A 14 2.06 4.32 0.66
CA TYR A 14 3.29 3.66 1.07
C TYR A 14 3.01 2.39 1.86
N CYS A 15 3.57 1.28 1.41
CA CYS A 15 3.37 -0.01 2.06
C CYS A 15 4.36 -0.18 3.22
N GLN A 16 3.82 -0.23 4.44
CA GLN A 16 4.65 -0.38 5.63
C GLN A 16 4.23 -1.61 6.42
N ALA A 17 4.84 -1.79 7.59
CA ALA A 17 4.52 -2.93 8.46
C ALA A 17 3.06 -2.90 8.88
N SER A 18 2.54 -1.70 9.11
CA SER A 18 1.15 -1.54 9.53
C SER A 18 0.19 -1.78 8.37
N GLY A 19 0.68 -1.53 7.15
CA GLY A 19 -0.14 -1.72 5.97
C GLY A 19 -0.08 -0.54 5.02
N CYS A 20 -1.05 -0.45 4.12
CA CYS A 20 -1.11 0.64 3.15
C CYS A 20 -1.84 1.84 3.72
N ARG A 21 -1.13 2.97 3.82
CA ARG A 21 -1.72 4.19 4.35
C ARG A 21 -1.79 5.27 3.28
N PRO A 22 -2.64 6.28 3.49
CA PRO A 22 -2.83 7.39 2.55
C PRO A 22 -1.62 8.31 2.51
N PRO A 23 -1.58 9.19 1.50
CA PRO A 23 -0.48 10.15 1.32
C PRO A 23 -0.46 11.23 2.39
N ASN A 1 -0.04 -1.55 -11.85
CA ASN A 1 1.35 -1.74 -11.44
C ASN A 1 1.53 -1.40 -9.96
N CYS A 2 0.54 -1.79 -9.15
CA CYS A 2 0.60 -1.54 -7.72
C CYS A 2 1.33 -2.65 -6.99
N PRO A 3 1.92 -2.33 -5.83
CA PRO A 3 2.67 -3.29 -5.01
C PRO A 3 1.76 -4.32 -4.37
N TYR A 4 2.18 -5.58 -4.42
CA TYR A 4 1.40 -6.68 -3.84
C TYR A 4 1.60 -6.74 -2.32
N CYS A 5 0.66 -6.17 -1.58
CA CYS A 5 0.73 -6.15 -0.12
C CYS A 5 -0.40 -6.99 0.48
N VAL A 6 -0.47 -7.01 1.81
CA VAL A 6 -1.50 -7.77 2.50
C VAL A 6 -2.87 -7.51 1.90
N VAL A 7 -3.07 -6.30 1.37
CA VAL A 7 -4.34 -5.94 0.76
C VAL A 7 -4.11 -5.11 -0.51
N TYR A 8 -4.82 -5.48 -1.58
CA TYR A 8 -4.71 -4.77 -2.84
C TYR A 8 -4.84 -3.27 -2.65
N CYS A 9 -3.71 -2.57 -2.72
CA CYS A 9 -3.70 -1.12 -2.55
C CYS A 9 -2.89 -0.45 -3.65
N CYS A 10 -3.26 0.78 -3.98
CA CYS A 10 -2.57 1.53 -5.03
C CYS A 10 -2.20 2.92 -4.53
N PRO A 11 -1.17 3.52 -5.16
CA PRO A 11 -0.71 4.87 -4.80
C PRO A 11 -1.70 5.95 -5.20
N PRO A 12 -1.46 7.18 -4.71
CA PRO A 12 -0.32 7.48 -3.84
C PRO A 12 -0.46 6.85 -2.46
N ALA A 13 0.61 6.21 -2.00
CA ALA A 13 0.61 5.56 -0.69
C ALA A 13 1.96 4.92 -0.39
N TYR A 14 2.05 4.22 0.74
CA TYR A 14 3.28 3.56 1.13
C TYR A 14 2.98 2.32 1.99
N CYS A 15 3.53 1.19 1.57
CA CYS A 15 3.33 -0.06 2.29
C CYS A 15 4.31 -0.20 3.44
N GLN A 16 3.80 -0.15 4.66
CA GLN A 16 4.63 -0.26 5.85
C GLN A 16 4.19 -1.43 6.72
N ALA A 17 4.78 -1.53 7.91
CA ALA A 17 4.44 -2.61 8.84
C ALA A 17 2.94 -2.66 9.09
N SER A 18 2.33 -1.47 9.24
CA SER A 18 0.90 -1.39 9.50
C SER A 18 0.10 -1.73 8.25
N GLY A 19 0.70 -1.49 7.08
CA GLY A 19 0.03 -1.78 5.82
C GLY A 19 0.06 -0.60 4.87
N CYS A 20 -0.96 -0.50 4.03
CA CYS A 20 -1.05 0.59 3.06
C CYS A 20 -1.74 1.81 3.67
N ARG A 21 -1.02 2.92 3.72
CA ARG A 21 -1.56 4.15 4.28
C ARG A 21 -1.66 5.24 3.21
N PRO A 22 -2.49 6.25 3.48
CA PRO A 22 -2.70 7.37 2.55
C PRO A 22 -1.48 8.27 2.44
N PRO A 23 -1.48 9.16 1.44
CA PRO A 23 -0.37 10.09 1.21
C PRO A 23 -0.28 11.17 2.28
N ASN A 1 0.38 -0.83 -12.08
CA ASN A 1 1.31 -1.76 -11.43
C ASN A 1 1.49 -1.42 -9.96
N CYS A 2 0.52 -1.82 -9.14
CA CYS A 2 0.57 -1.56 -7.71
C CYS A 2 1.31 -2.69 -6.98
N PRO A 3 1.89 -2.35 -5.83
CA PRO A 3 2.64 -3.31 -5.00
C PRO A 3 1.74 -4.35 -4.36
N TYR A 4 2.16 -5.61 -4.39
CA TYR A 4 1.38 -6.69 -3.81
C TYR A 4 1.58 -6.75 -2.30
N CYS A 5 0.64 -6.18 -1.56
CA CYS A 5 0.72 -6.17 -0.11
C CYS A 5 -0.41 -7.00 0.50
N VAL A 6 -0.48 -7.02 1.83
CA VAL A 6 -1.51 -7.76 2.54
C VAL A 6 -2.88 -7.51 1.94
N VAL A 7 -3.07 -6.31 1.40
CA VAL A 7 -4.35 -5.94 0.79
C VAL A 7 -4.13 -5.12 -0.48
N TYR A 8 -4.84 -5.49 -1.54
CA TYR A 8 -4.73 -4.79 -2.82
C TYR A 8 -4.86 -3.29 -2.63
N CYS A 9 -3.73 -2.58 -2.69
CA CYS A 9 -3.72 -1.13 -2.53
C CYS A 9 -2.90 -0.47 -3.64
N CYS A 10 -3.29 0.76 -3.98
CA CYS A 10 -2.59 1.51 -5.02
C CYS A 10 -2.22 2.90 -4.54
N PRO A 11 -1.20 3.50 -5.17
CA PRO A 11 -0.72 4.84 -4.82
C PRO A 11 -1.72 5.92 -5.21
N PRO A 12 -1.49 7.15 -4.73
CA PRO A 12 -0.34 7.45 -3.86
C PRO A 12 -0.47 6.82 -2.48
N ALA A 13 0.61 6.19 -2.02
CA ALA A 13 0.60 5.54 -0.71
C ALA A 13 1.95 4.90 -0.42
N TYR A 14 2.04 4.20 0.71
CA TYR A 14 3.29 3.54 1.11
C TYR A 14 3.00 2.32 1.97
N CYS A 15 3.52 1.17 1.57
CA CYS A 15 3.33 -0.07 2.30
C CYS A 15 4.31 -0.18 3.46
N GLN A 16 3.79 -0.14 4.68
CA GLN A 16 4.63 -0.24 5.87
C GLN A 16 4.19 -1.41 6.75
N ALA A 17 4.79 -1.50 7.93
CA ALA A 17 4.47 -2.58 8.85
C ALA A 17 2.97 -2.64 9.13
N SER A 18 2.34 -1.48 9.24
CA SER A 18 0.91 -1.39 9.50
C SER A 18 0.10 -1.73 8.24
N GLY A 19 0.70 -1.49 7.08
CA GLY A 19 0.03 -1.78 5.83
C GLY A 19 0.06 -0.60 4.87
N CYS A 20 -0.95 -0.50 4.03
CA CYS A 20 -1.05 0.58 3.06
C CYS A 20 -1.73 1.81 3.67
N ARG A 21 -1.00 2.92 3.71
CA ARG A 21 -1.55 4.15 4.27
C ARG A 21 -1.65 5.23 3.20
N PRO A 22 -2.48 6.26 3.46
CA PRO A 22 -2.69 7.36 2.53
C PRO A 22 -1.46 8.26 2.43
N PRO A 23 -1.47 9.15 1.41
CA PRO A 23 -0.36 10.08 1.17
C PRO A 23 -0.27 11.16 2.25
N ASN A 1 0.09 -1.50 -11.84
CA ASN A 1 1.45 -1.81 -11.40
C ASN A 1 1.62 -1.48 -9.92
N CYS A 2 0.61 -1.82 -9.12
CA CYS A 2 0.65 -1.55 -7.68
C CYS A 2 1.37 -2.68 -6.95
N PRO A 3 1.95 -2.36 -5.78
CA PRO A 3 2.68 -3.33 -4.96
C PRO A 3 1.76 -4.36 -4.33
N TYR A 4 2.16 -5.62 -4.38
CA TYR A 4 1.36 -6.70 -3.82
C TYR A 4 1.55 -6.78 -2.30
N CYS A 5 0.61 -6.19 -1.56
CA CYS A 5 0.68 -6.20 -0.10
C CYS A 5 -0.47 -7.01 0.49
N VAL A 6 -0.55 -7.04 1.81
CA VAL A 6 -1.59 -7.78 2.50
C VAL A 6 -2.96 -7.50 1.89
N VAL A 7 -3.14 -6.30 1.36
CA VAL A 7 -4.39 -5.91 0.74
C VAL A 7 -4.16 -5.10 -0.52
N TYR A 8 -4.86 -5.44 -1.59
CA TYR A 8 -4.73 -4.75 -2.87
C TYR A 8 -4.85 -3.24 -2.67
N CYS A 9 -3.72 -2.55 -2.72
CA CYS A 9 -3.69 -1.10 -2.55
C CYS A 9 -2.88 -0.44 -3.66
N CYS A 10 -3.24 0.80 -3.99
CA CYS A 10 -2.55 1.54 -5.03
C CYS A 10 -2.18 2.94 -4.55
N PRO A 11 -1.16 3.54 -5.18
CA PRO A 11 -0.69 4.88 -4.82
C PRO A 11 -1.69 5.96 -5.22
N PRO A 12 -1.45 7.20 -4.74
CA PRO A 12 -0.32 7.50 -3.86
C PRO A 12 -0.46 6.87 -2.48
N ALA A 13 0.61 6.24 -2.02
CA ALA A 13 0.61 5.60 -0.70
C ALA A 13 1.95 4.95 -0.41
N TYR A 14 2.05 4.27 0.73
CA TYR A 14 3.27 3.61 1.13
C TYR A 14 2.98 2.37 1.97
N CYS A 15 3.53 1.23 1.56
CA CYS A 15 3.33 -0.02 2.27
C CYS A 15 4.33 -0.17 3.41
N GLN A 16 3.83 -0.14 4.64
CA GLN A 16 4.67 -0.27 5.81
C GLN A 16 4.24 -1.44 6.67
N ALA A 17 4.86 -1.59 7.84
CA ALA A 17 4.53 -2.66 8.76
C ALA A 17 3.04 -2.69 9.07
N SER A 18 2.45 -1.50 9.19
CA SER A 18 1.03 -1.39 9.49
C SER A 18 0.18 -1.71 8.26
N GLY A 19 0.75 -1.49 7.08
CA GLY A 19 0.03 -1.76 5.85
C GLY A 19 0.05 -0.58 4.89
N CYS A 20 -0.98 -0.49 4.06
CA CYS A 20 -1.08 0.59 3.08
C CYS A 20 -1.77 1.81 3.70
N ARG A 21 -1.05 2.92 3.74
CA ARG A 21 -1.59 4.16 4.30
C ARG A 21 -1.69 5.24 3.24
N PRO A 22 -2.55 6.24 3.49
CA PRO A 22 -2.76 7.36 2.57
C PRO A 22 -1.55 8.27 2.48
N PRO A 23 -1.55 9.16 1.47
CA PRO A 23 -0.47 10.12 1.25
C PRO A 23 -0.41 11.19 2.32
N ASN A 1 2.25 -1.30 -12.26
CA ASN A 1 1.12 -1.76 -11.46
C ASN A 1 1.33 -1.41 -9.99
N CYS A 2 0.38 -1.83 -9.15
CA CYS A 2 0.47 -1.57 -7.72
C CYS A 2 1.21 -2.69 -7.00
N PRO A 3 1.82 -2.36 -5.85
CA PRO A 3 2.57 -3.32 -5.04
C PRO A 3 1.67 -4.36 -4.37
N TYR A 4 2.05 -5.62 -4.47
CA TYR A 4 1.27 -6.70 -3.88
C TYR A 4 1.49 -6.77 -2.38
N CYS A 5 0.57 -6.19 -1.62
CA CYS A 5 0.66 -6.19 -0.16
C CYS A 5 -0.47 -7.02 0.46
N VAL A 6 -0.51 -7.03 1.78
CA VAL A 6 -1.54 -7.79 2.50
C VAL A 6 -2.93 -7.52 1.92
N VAL A 7 -3.11 -6.31 1.39
CA VAL A 7 -4.39 -5.93 0.80
C VAL A 7 -4.18 -5.11 -0.47
N TYR A 8 -4.91 -5.46 -1.52
CA TYR A 8 -4.81 -4.77 -2.79
C TYR A 8 -4.93 -3.26 -2.60
N CYS A 9 -3.79 -2.56 -2.67
CA CYS A 9 -3.77 -1.12 -2.50
C CYS A 9 -2.97 -0.46 -3.62
N CYS A 10 -3.33 0.78 -3.94
CA CYS A 10 -2.65 1.53 -4.99
C CYS A 10 -2.28 2.93 -4.52
N PRO A 11 -1.25 3.52 -5.15
CA PRO A 11 -0.78 4.86 -4.80
C PRO A 11 -1.78 5.94 -5.19
N PRO A 12 -1.53 7.17 -4.71
CA PRO A 12 -0.38 7.47 -3.85
C PRO A 12 -0.51 6.84 -2.47
N ALA A 13 0.56 6.20 -2.00
CA ALA A 13 0.57 5.56 -0.70
C ALA A 13 1.91 4.91 -0.42
N TYR A 14 2.00 4.21 0.71
CA TYR A 14 3.24 3.54 1.10
C TYR A 14 2.95 2.33 1.98
N CYS A 15 3.46 1.18 1.58
CA CYS A 15 3.26 -0.06 2.33
C CYS A 15 4.29 -0.19 3.45
N GLN A 16 3.81 -0.13 4.69
CA GLN A 16 4.70 -0.24 5.85
C GLN A 16 4.27 -1.40 6.74
N ALA A 17 4.91 -1.51 7.90
CA ALA A 17 4.60 -2.58 8.85
C ALA A 17 3.10 -2.62 9.15
N SER A 18 2.49 -1.45 9.22
CA SER A 18 1.06 -1.35 9.51
C SER A 18 0.23 -1.68 8.27
N GLY A 19 0.80 -1.45 7.10
CA GLY A 19 0.10 -1.73 5.86
C GLY A 19 0.09 -0.55 4.90
N CYS A 20 -0.91 -0.50 4.03
CA CYS A 20 -1.02 0.58 3.06
C CYS A 20 -1.71 1.80 3.69
N ARG A 21 -0.99 2.91 3.73
CA ARG A 21 -1.52 4.14 4.30
C ARG A 21 -1.65 5.23 3.23
N PRO A 22 -2.48 6.24 3.51
CA PRO A 22 -2.72 7.36 2.59
C PRO A 22 -1.50 8.27 2.46
N PRO A 23 -1.53 9.15 1.46
CA PRO A 23 -0.43 10.09 1.21
C PRO A 23 -0.34 11.17 2.28
N ASN A 1 1.75 -0.76 -12.22
CA ASN A 1 1.32 -1.88 -11.40
C ASN A 1 1.52 -1.56 -9.92
N CYS A 2 0.48 -1.83 -9.12
CA CYS A 2 0.53 -1.57 -7.69
C CYS A 2 1.27 -2.70 -6.97
N PRO A 3 1.86 -2.38 -5.81
CA PRO A 3 2.59 -3.34 -4.99
C PRO A 3 1.68 -4.38 -4.34
N TYR A 4 2.07 -5.64 -4.40
CA TYR A 4 1.29 -6.72 -3.81
C TYR A 4 1.49 -6.80 -2.31
N CYS A 5 0.56 -6.22 -1.56
CA CYS A 5 0.64 -6.21 -0.10
C CYS A 5 -0.50 -7.03 0.50
N VAL A 6 -0.57 -7.05 1.83
CA VAL A 6 -1.60 -7.80 2.54
C VAL A 6 -2.98 -7.52 1.93
N VAL A 7 -3.16 -6.31 1.40
CA VAL A 7 -4.43 -5.93 0.79
C VAL A 7 -4.20 -5.11 -0.48
N TYR A 8 -4.92 -5.46 -1.54
CA TYR A 8 -4.79 -4.76 -2.81
C TYR A 8 -4.91 -3.26 -2.62
N CYS A 9 -3.78 -2.57 -2.67
CA CYS A 9 -3.75 -1.12 -2.51
C CYS A 9 -2.95 -0.46 -3.63
N CYS A 10 -3.32 0.77 -3.95
CA CYS A 10 -2.63 1.52 -5.01
C CYS A 10 -2.26 2.92 -4.52
N PRO A 11 -1.24 3.51 -5.16
CA PRO A 11 -0.77 4.86 -4.82
C PRO A 11 -1.77 5.94 -5.20
N PRO A 12 -1.53 7.17 -4.72
CA PRO A 12 -0.38 7.47 -3.86
C PRO A 12 -0.50 6.85 -2.48
N ALA A 13 0.57 6.21 -2.03
CA ALA A 13 0.58 5.57 -0.71
C ALA A 13 1.94 4.92 -0.43
N TYR A 14 2.03 4.24 0.70
CA TYR A 14 3.27 3.57 1.09
C TYR A 14 2.99 2.34 1.95
N CYS A 15 3.52 1.20 1.53
CA CYS A 15 3.32 -0.04 2.26
C CYS A 15 4.33 -0.18 3.40
N GLN A 16 3.84 -0.14 4.63
CA GLN A 16 4.71 -0.26 5.79
C GLN A 16 4.29 -1.43 6.67
N ALA A 17 4.91 -1.55 7.84
CA ALA A 17 4.60 -2.62 8.77
C ALA A 17 3.11 -2.65 9.09
N SER A 18 2.50 -1.47 9.18
CA SER A 18 1.08 -1.36 9.49
C SER A 18 0.23 -1.70 8.27
N GLY A 19 0.80 -1.47 7.08
CA GLY A 19 0.07 -1.75 5.85
C GLY A 19 0.08 -0.58 4.90
N CYS A 20 -0.96 -0.50 4.07
CA CYS A 20 -1.07 0.59 3.09
C CYS A 20 -1.74 1.80 3.71
N ARG A 21 -1.03 2.93 3.74
CA ARG A 21 -1.56 4.17 4.30
C ARG A 21 -1.67 5.23 3.23
N PRO A 22 -2.52 6.25 3.49
CA PRO A 22 -2.74 7.35 2.57
C PRO A 22 -1.54 8.28 2.45
N PRO A 23 -1.55 9.16 1.45
CA PRO A 23 -0.45 10.11 1.20
C PRO A 23 -0.38 11.18 2.28
N ASN A 1 2.30 -1.43 -12.24
CA ASN A 1 1.17 -1.90 -11.44
C ASN A 1 1.38 -1.56 -9.96
N CYS A 2 0.36 -1.81 -9.15
CA CYS A 2 0.43 -1.55 -7.72
C CYS A 2 1.19 -2.66 -6.99
N PRO A 3 1.79 -2.32 -5.85
CA PRO A 3 2.56 -3.27 -5.04
C PRO A 3 1.66 -4.30 -4.37
N TYR A 4 2.07 -5.56 -4.44
CA TYR A 4 1.31 -6.66 -3.84
C TYR A 4 1.54 -6.71 -2.33
N CYS A 5 0.60 -6.14 -1.58
CA CYS A 5 0.70 -6.12 -0.12
C CYS A 5 -0.42 -6.95 0.51
N VAL A 6 -0.47 -6.97 1.83
CA VAL A 6 -1.48 -7.73 2.55
C VAL A 6 -2.87 -7.48 1.97
N VAL A 7 -3.07 -6.28 1.43
CA VAL A 7 -4.36 -5.91 0.84
C VAL A 7 -4.17 -5.10 -0.44
N TYR A 8 -4.89 -5.47 -1.48
CA TYR A 8 -4.79 -4.77 -2.76
C TYR A 8 -4.92 -3.27 -2.58
N CYS A 9 -3.80 -2.57 -2.66
CA CYS A 9 -3.79 -1.12 -2.49
C CYS A 9 -2.99 -0.46 -3.61
N CYS A 10 -3.36 0.79 -3.94
CA CYS A 10 -2.68 1.53 -4.99
C CYS A 10 -2.31 2.93 -4.51
N PRO A 11 -1.28 3.52 -5.15
CA PRO A 11 -0.81 4.86 -4.80
C PRO A 11 -1.80 5.95 -5.18
N PRO A 12 -1.56 7.17 -4.70
CA PRO A 12 -0.41 7.47 -3.84
C PRO A 12 -0.53 6.85 -2.46
N ALA A 13 0.54 6.20 -2.01
CA ALA A 13 0.56 5.56 -0.71
C ALA A 13 1.90 4.91 -0.42
N TYR A 14 2.01 4.27 0.73
CA TYR A 14 3.26 3.60 1.12
C TYR A 14 2.97 2.37 1.97
N CYS A 15 3.50 1.23 1.55
CA CYS A 15 3.31 -0.03 2.27
C CYS A 15 4.31 -0.16 3.41
N GLN A 16 3.81 -0.13 4.64
CA GLN A 16 4.66 -0.24 5.82
C GLN A 16 4.24 -1.43 6.68
N ALA A 17 4.86 -1.55 7.85
CA ALA A 17 4.54 -2.63 8.78
C ALA A 17 3.04 -2.69 9.06
N SER A 18 2.42 -1.53 9.16
CA SER A 18 0.99 -1.44 9.43
C SER A 18 0.17 -1.78 8.20
N GLY A 19 0.75 -1.52 7.02
CA GLY A 19 0.07 -1.80 5.78
C GLY A 19 0.09 -0.62 4.83
N CYS A 20 -0.95 -0.51 4.01
CA CYS A 20 -1.06 0.58 3.05
C CYS A 20 -1.72 1.79 3.67
N ARG A 21 -0.99 2.90 3.73
CA ARG A 21 -1.52 4.14 4.30
C ARG A 21 -1.64 5.23 3.24
N PRO A 22 -2.47 6.25 3.53
CA PRO A 22 -2.68 7.37 2.60
C PRO A 22 -1.46 8.27 2.49
N PRO A 23 -1.48 9.16 1.48
CA PRO A 23 -0.37 10.09 1.23
C PRO A 23 -0.27 11.17 2.31
N ASN A 1 2.01 -0.96 -12.25
CA ASN A 1 1.25 -1.87 -11.41
C ASN A 1 1.45 -1.55 -9.93
N CYS A 2 0.42 -1.82 -9.12
CA CYS A 2 0.49 -1.56 -7.70
C CYS A 2 1.23 -2.68 -6.96
N PRO A 3 1.83 -2.35 -5.82
CA PRO A 3 2.58 -3.30 -5.00
C PRO A 3 1.67 -4.34 -4.35
N TYR A 4 2.09 -5.61 -4.40
CA TYR A 4 1.31 -6.69 -3.81
C TYR A 4 1.53 -6.76 -2.31
N CYS A 5 0.60 -6.18 -1.55
CA CYS A 5 0.68 -6.16 -0.09
C CYS A 5 -0.44 -7.00 0.52
N VAL A 6 -0.50 -7.01 1.85
CA VAL A 6 -1.53 -7.77 2.55
C VAL A 6 -2.91 -7.50 1.98
N VAL A 7 -3.10 -6.30 1.44
CA VAL A 7 -4.37 -5.92 0.84
C VAL A 7 -4.17 -5.11 -0.44
N TYR A 8 -4.89 -5.47 -1.49
CA TYR A 8 -4.78 -4.77 -2.77
C TYR A 8 -4.91 -3.26 -2.58
N CYS A 9 -3.77 -2.57 -2.64
CA CYS A 9 -3.76 -1.12 -2.48
C CYS A 9 -2.96 -0.46 -3.60
N CYS A 10 -3.33 0.78 -3.93
CA CYS A 10 -2.64 1.53 -4.97
C CYS A 10 -2.26 2.93 -4.49
N PRO A 11 -1.24 3.52 -5.13
CA PRO A 11 -0.77 4.86 -4.78
C PRO A 11 -1.76 5.95 -5.16
N PRO A 12 -1.52 7.17 -4.68
CA PRO A 12 -0.37 7.47 -3.83
C PRO A 12 -0.49 6.84 -2.44
N ALA A 13 0.59 6.20 -1.99
CA ALA A 13 0.60 5.55 -0.68
C ALA A 13 1.96 4.92 -0.40
N TYR A 14 2.06 4.23 0.73
CA TYR A 14 3.29 3.57 1.12
C TYR A 14 3.01 2.31 1.93
N CYS A 15 3.57 1.19 1.49
CA CYS A 15 3.38 -0.08 2.18
C CYS A 15 4.38 -0.24 3.32
N GLN A 16 3.86 -0.21 4.55
CA GLN A 16 4.70 -0.34 5.73
C GLN A 16 4.26 -1.52 6.58
N ALA A 17 4.87 -1.67 7.75
CA ALA A 17 4.53 -2.76 8.66
C ALA A 17 3.06 -2.73 9.02
N SER A 18 2.51 -1.52 9.17
CA SER A 18 1.10 -1.36 9.52
C SER A 18 0.21 -1.66 8.32
N GLY A 19 0.74 -1.45 7.11
CA GLY A 19 -0.02 -1.71 5.90
C GLY A 19 0.01 -0.54 4.94
N CYS A 20 -1.01 -0.46 4.09
CA CYS A 20 -1.08 0.62 3.10
C CYS A 20 -1.78 1.84 3.69
N ARG A 21 -1.06 2.96 3.75
CA ARG A 21 -1.60 4.20 4.29
C ARG A 21 -1.70 5.27 3.20
N PRO A 22 -2.57 6.27 3.44
CA PRO A 22 -2.77 7.38 2.49
C PRO A 22 -1.56 8.30 2.41
N PRO A 23 -1.55 9.18 1.39
CA PRO A 23 -0.46 10.13 1.18
C PRO A 23 -0.43 11.21 2.24
#